data_7VV0
#
_entry.id   7VV0
#
_cell.length_a   1.00
_cell.length_b   1.00
_cell.length_c   1.00
_cell.angle_alpha   90.00
_cell.angle_beta   90.00
_cell.angle_gamma   90.00
#
_symmetry.space_group_name_H-M   'P 1'
#
loop_
_entity.id
_entity.type
_entity.pdbx_description
1 polymer 'peptide from Pro-adrenomedullin'
2 polymer 'Mas-related G-protein coupled receptor member X2'
3 non-polymer CHOLESTEROL
#
loop_
_entity_poly.entity_id
_entity_poly.type
_entity_poly.pdbx_seq_one_letter_code
_entity_poly.pdbx_strand_id
1 'polypeptide(L)' FRKKWNKWALSR L
2 'polypeptide(L)'
;MDPTTPAWGTESTTVNGNDQALLLLCGKETLIPVFLILFIALVGLVGNGFVLWLLGFRMRRNAFSVYVLSLAGADFLFLC
FQIINCLVYLSNFFCSISINFPSFFTTVMTCAYLAGLSMLSTVSTERCLSVLWPIWYRCRRPRHLSAVVCVLLWALSLLL
SILEGKFCGFLFSDGDSGWCQTFDFITAAWLIFLFMVLCGSSLALLVRILCGSRGLPLTRLYLTILLTVLVFLLCGLPFG
IQWFLILWIWKDSDVLFCHIHPVSVVLSSLNSSANPIIYFFVGSFRKQWRLQQPILKLALQRALQDIAEVDHSEGCFRQG
TPEMSRSSLV
;
R
#
loop_
_chem_comp.id
_chem_comp.type
_chem_comp.name
_chem_comp.formula
CLR non-polymer CHOLESTEROL 'C27 H46 O'
#
# COMPACT_ATOMS: atom_id res chain seq x y z
N PHE A 1 -5.35 4.04 24.90
CA PHE A 1 -4.95 2.91 24.06
C PHE A 1 -6.13 2.42 23.23
N ARG A 2 -5.89 2.25 21.93
CA ARG A 2 -6.94 1.82 21.01
C ARG A 2 -6.76 0.37 20.60
N LYS A 3 -7.84 -0.30 20.21
CA LYS A 3 -7.71 -1.72 19.92
C LYS A 3 -8.73 -2.38 18.99
N LYS A 4 -8.24 -2.95 17.91
CA LYS A 4 -9.12 -3.73 17.04
C LYS A 4 -8.55 -5.12 16.75
N TRP A 5 -7.42 -5.42 17.35
CA TRP A 5 -6.76 -6.71 17.15
C TRP A 5 -7.37 -7.80 18.03
N CYS B 26 -11.67 -12.75 17.19
CA CYS B 26 -12.81 -13.63 17.36
C CYS B 26 -12.34 -15.03 17.73
N GLY B 27 -13.13 -16.04 17.35
CA GLY B 27 -12.74 -17.42 17.56
C GLY B 27 -12.48 -18.14 16.27
N LYS B 28 -13.35 -19.10 15.93
CA LYS B 28 -13.17 -19.87 14.71
C LYS B 28 -13.87 -19.23 13.52
N GLU B 29 -14.57 -18.11 13.76
CA GLU B 29 -15.26 -17.42 12.66
C GLU B 29 -14.26 -16.69 11.76
N THR B 30 -13.17 -16.19 12.34
CA THR B 30 -12.15 -15.47 11.60
C THR B 30 -10.99 -16.34 11.15
N LEU B 31 -11.09 -17.67 11.30
CA LEU B 31 -9.92 -18.53 11.14
C LEU B 31 -9.55 -18.72 9.67
N ILE B 32 -10.54 -18.86 8.80
CA ILE B 32 -10.25 -19.08 7.38
C ILE B 32 -9.74 -17.84 6.64
N PRO B 33 -10.12 -16.58 7.00
CA PRO B 33 -9.31 -15.43 6.52
C PRO B 33 -7.85 -15.41 6.98
N VAL B 34 -7.54 -16.01 8.13
CA VAL B 34 -6.15 -16.07 8.59
C VAL B 34 -5.32 -17.02 7.72
N PHE B 35 -5.92 -18.15 7.32
CA PHE B 35 -5.22 -19.05 6.39
C PHE B 35 -5.14 -18.44 4.98
N LEU B 36 -6.15 -17.65 4.61
CA LEU B 36 -6.12 -17.00 3.29
C LEU B 36 -5.07 -15.89 3.24
N ILE B 37 -4.91 -15.13 4.33
CA ILE B 37 -3.89 -14.09 4.35
C ILE B 37 -2.50 -14.72 4.57
N LEU B 38 -2.43 -15.97 4.96
CA LEU B 38 -1.12 -16.58 5.06
C LEU B 38 -0.74 -17.22 3.76
N PHE B 39 -1.66 -17.60 2.92
CA PHE B 39 -1.31 -18.02 1.56
C PHE B 39 -0.95 -16.84 0.67
N ILE B 40 -1.78 -15.79 0.68
CA ILE B 40 -1.48 -14.65 -0.18
C ILE B 40 -0.35 -13.79 0.39
N ALA B 41 -0.05 -13.93 1.68
CA ALA B 41 1.10 -13.26 2.25
C ALA B 41 2.39 -13.93 1.82
N LEU B 42 2.42 -15.27 1.79
CA LEU B 42 3.62 -15.97 1.32
C LEU B 42 3.87 -15.74 -0.16
N VAL B 43 2.79 -15.66 -0.95
CA VAL B 43 2.91 -15.29 -2.37
C VAL B 43 3.43 -13.86 -2.52
N GLY B 44 2.96 -12.94 -1.67
CA GLY B 44 3.46 -11.58 -1.73
C GLY B 44 4.90 -11.41 -1.28
N LEU B 45 5.33 -12.18 -0.27
CA LEU B 45 6.74 -12.20 0.13
C LEU B 45 7.66 -12.72 -0.96
N VAL B 46 7.30 -13.81 -1.65
CA VAL B 46 8.21 -14.33 -2.67
C VAL B 46 8.21 -13.44 -3.91
N GLY B 47 7.08 -12.80 -4.23
CA GLY B 47 7.04 -11.88 -5.36
C GLY B 47 7.82 -10.59 -5.11
N ASN B 48 7.65 -10.01 -3.91
CA ASN B 48 8.36 -8.77 -3.62
C ASN B 48 9.83 -9.02 -3.32
N GLY B 49 10.17 -10.23 -2.87
CA GLY B 49 11.58 -10.59 -2.73
C GLY B 49 12.28 -10.73 -4.07
N PHE B 50 11.60 -11.34 -5.05
CA PHE B 50 12.16 -11.44 -6.39
C PHE B 50 12.29 -10.07 -7.06
N VAL B 51 11.32 -9.17 -6.84
CA VAL B 51 11.38 -7.84 -7.43
C VAL B 51 12.50 -7.00 -6.78
N LEU B 52 12.66 -7.13 -5.45
CA LEU B 52 13.73 -6.43 -4.73
C LEU B 52 15.11 -6.92 -5.14
N TRP B 53 15.28 -8.25 -5.29
CA TRP B 53 16.57 -8.79 -5.70
C TRP B 53 16.91 -8.46 -7.15
N LEU B 54 15.90 -8.51 -8.04
CA LEU B 54 16.13 -8.28 -9.46
C LEU B 54 16.41 -6.81 -9.74
N LEU B 55 15.73 -5.90 -9.04
CA LEU B 55 15.98 -4.49 -9.30
C LEU B 55 17.08 -3.93 -8.41
N GLY B 56 17.53 -4.70 -7.42
CA GLY B 56 18.65 -4.24 -6.64
C GLY B 56 19.99 -4.71 -7.18
N PHE B 57 20.08 -6.00 -7.50
CA PHE B 57 21.38 -6.64 -7.67
C PHE B 57 21.64 -7.12 -9.09
N ARG B 58 20.62 -7.19 -9.94
CA ARG B 58 20.82 -7.76 -11.26
C ARG B 58 20.61 -6.76 -12.39
N MET B 59 19.45 -6.11 -12.42
CA MET B 59 19.05 -5.35 -13.60
C MET B 59 19.50 -3.91 -13.52
N ARG B 60 19.57 -3.28 -14.69
CA ARG B 60 19.80 -1.85 -14.79
C ARG B 60 18.51 -1.10 -14.51
N ARG B 61 18.60 -0.04 -13.72
CA ARG B 61 17.40 0.63 -13.22
C ARG B 61 17.25 2.00 -13.87
N ASN B 62 16.00 2.37 -14.14
CA ASN B 62 15.60 3.73 -14.48
C ASN B 62 14.91 4.36 -13.27
N ALA B 63 14.25 5.51 -13.50
CA ALA B 63 13.47 6.16 -12.44
C ALA B 63 12.25 5.32 -12.07
N PHE B 64 11.67 4.64 -13.06
CA PHE B 64 10.52 3.78 -12.80
C PHE B 64 10.91 2.54 -12.01
N SER B 65 12.14 2.06 -12.19
CA SER B 65 12.58 0.92 -11.39
C SER B 65 12.88 1.33 -9.96
N VAL B 66 13.24 2.60 -9.75
CA VAL B 66 13.37 3.16 -8.41
C VAL B 66 12.02 3.18 -7.71
N TYR B 67 10.96 3.60 -8.43
CA TYR B 67 9.61 3.60 -7.86
C TYR B 67 9.09 2.19 -7.59
N VAL B 68 9.33 1.25 -8.51
CA VAL B 68 8.89 -0.14 -8.33
C VAL B 68 9.66 -0.81 -7.19
N LEU B 69 10.94 -0.46 -7.05
CA LEU B 69 11.79 -1.01 -5.99
C LEU B 69 11.36 -0.52 -4.62
N SER B 70 11.01 0.76 -4.52
CA SER B 70 10.51 1.30 -3.24
C SER B 70 9.13 0.76 -2.89
N LEU B 71 8.27 0.59 -3.89
CA LEU B 71 6.96 -0.02 -3.68
C LEU B 71 7.08 -1.47 -3.23
N ALA B 72 8.04 -2.20 -3.77
CA ALA B 72 8.26 -3.58 -3.37
C ALA B 72 8.86 -3.67 -1.97
N GLY B 73 9.69 -2.69 -1.58
CA GLY B 73 10.17 -2.63 -0.21
C GLY B 73 9.08 -2.35 0.80
N ALA B 74 8.17 -1.42 0.46
CA ALA B 74 7.03 -1.12 1.33
C ALA B 74 6.07 -2.30 1.45
N ASP B 75 5.81 -2.99 0.35
CA ASP B 75 4.95 -4.16 0.41
C ASP B 75 5.63 -5.35 1.08
N PHE B 76 6.97 -5.40 1.03
CA PHE B 76 7.72 -6.42 1.75
C PHE B 76 7.62 -6.24 3.26
N LEU B 77 7.75 -4.98 3.71
CA LEU B 77 7.60 -4.67 5.14
C LEU B 77 6.17 -4.92 5.63
N PHE B 78 5.17 -4.53 4.83
CA PHE B 78 3.77 -4.72 5.20
C PHE B 78 3.41 -6.20 5.25
N LEU B 79 3.88 -6.98 4.29
CA LEU B 79 3.51 -8.39 4.28
C LEU B 79 4.30 -9.19 5.31
N CYS B 80 5.50 -8.71 5.69
CA CYS B 80 6.23 -9.28 6.82
C CYS B 80 5.47 -9.08 8.13
N PHE B 81 4.92 -7.89 8.34
CA PHE B 81 4.23 -7.65 9.60
C PHE B 81 2.85 -8.31 9.60
N GLN B 82 2.24 -8.47 8.43
CA GLN B 82 1.00 -9.26 8.33
C GLN B 82 1.25 -10.74 8.58
N ILE B 83 2.39 -11.28 8.13
CA ILE B 83 2.59 -12.71 8.30
C ILE B 83 3.04 -13.01 9.73
N ILE B 84 3.65 -12.05 10.42
CA ILE B 84 3.94 -12.30 11.84
C ILE B 84 2.70 -12.07 12.71
N ASN B 85 1.76 -11.23 12.27
CA ASN B 85 0.46 -11.16 12.96
C ASN B 85 -0.34 -12.44 12.77
N CYS B 86 -0.28 -13.02 11.56
CA CYS B 86 -0.79 -14.34 11.27
C CYS B 86 -0.18 -15.42 12.17
N LEU B 87 1.14 -15.35 12.36
CA LEU B 87 1.83 -16.36 13.15
C LEU B 87 1.54 -16.22 14.64
N VAL B 88 1.39 -15.00 15.16
CA VAL B 88 1.08 -14.88 16.58
C VAL B 88 -0.38 -15.20 16.84
N TYR B 89 -1.27 -15.03 15.84
CA TYR B 89 -2.65 -15.48 16.03
C TYR B 89 -2.74 -17.01 16.00
N LEU B 90 -1.97 -17.66 15.12
CA LEU B 90 -2.00 -19.12 15.07
C LEU B 90 -1.30 -19.73 16.28
N SER B 91 -0.30 -19.03 16.83
CA SER B 91 0.32 -19.45 18.08
C SER B 91 -0.62 -19.25 19.26
N ASN B 92 -1.48 -18.22 19.19
CA ASN B 92 -2.51 -18.05 20.21
C ASN B 92 -3.56 -19.14 20.12
N PHE B 93 -3.89 -19.56 18.89
CA PHE B 93 -5.00 -20.51 18.73
C PHE B 93 -4.57 -21.94 19.00
N PHE B 94 -3.57 -22.44 18.28
CA PHE B 94 -3.26 -23.87 18.31
C PHE B 94 -2.24 -24.23 19.39
N CYS B 95 -1.09 -23.57 19.42
CA CYS B 95 -0.04 -23.96 20.36
C CYS B 95 -0.32 -23.43 21.76
N SER B 96 -1.20 -22.44 21.87
CA SER B 96 -1.59 -21.73 23.09
C SER B 96 -0.41 -21.14 23.86
N ILE B 97 0.57 -20.60 23.13
CA ILE B 97 1.74 -19.98 23.76
C ILE B 97 1.35 -18.65 24.40
N SER B 98 0.36 -17.97 23.80
CA SER B 98 -0.06 -16.59 24.09
C SER B 98 1.10 -15.61 24.00
N ILE B 99 1.81 -15.64 22.86
CA ILE B 99 2.86 -14.67 22.60
C ILE B 99 2.22 -13.31 22.27
N ASN B 100 2.86 -12.24 22.76
CA ASN B 100 2.44 -10.87 22.49
C ASN B 100 3.44 -10.22 21.56
N PHE B 101 2.99 -9.86 20.37
CA PHE B 101 3.80 -9.01 19.49
C PHE B 101 3.84 -7.59 20.06
N PRO B 102 4.96 -6.87 19.90
CA PRO B 102 5.05 -5.52 20.45
C PRO B 102 4.18 -4.52 19.70
N SER B 103 3.95 -3.36 20.33
CA SER B 103 2.95 -2.44 19.82
C SER B 103 3.49 -1.58 18.68
N PHE B 104 4.82 -1.54 18.50
CA PHE B 104 5.36 -0.69 17.45
C PHE B 104 5.38 -1.40 16.10
N PHE B 105 5.06 -2.69 16.06
CA PHE B 105 4.97 -3.39 14.78
C PHE B 105 3.76 -2.92 13.99
N THR B 106 2.68 -2.54 14.69
CA THR B 106 1.52 -1.92 14.05
C THR B 106 1.88 -0.54 13.49
N THR B 107 2.77 0.19 14.17
CA THR B 107 3.21 1.50 13.72
C THR B 107 4.05 1.42 12.44
N VAL B 108 5.00 0.48 12.40
CA VAL B 108 5.83 0.36 11.20
C VAL B 108 5.06 -0.33 10.06
N MET B 109 4.05 -1.13 10.40
CA MET B 109 3.15 -1.68 9.37
C MET B 109 2.28 -0.59 8.76
N THR B 110 1.83 0.37 9.57
CA THR B 110 1.11 1.55 9.09
C THR B 110 1.98 2.40 8.18
N CYS B 111 3.26 2.57 8.54
CA CYS B 111 4.21 3.30 7.69
C CYS B 111 4.45 2.61 6.35
N ALA B 112 4.55 1.27 6.38
CA ALA B 112 4.71 0.49 5.15
C ALA B 112 3.49 0.58 4.25
N TYR B 113 2.28 0.57 4.86
CA TYR B 113 1.05 0.67 4.10
C TYR B 113 0.89 2.04 3.43
N LEU B 114 1.19 3.11 4.17
CA LEU B 114 1.05 4.46 3.63
C LEU B 114 2.09 4.75 2.56
N ALA B 115 3.32 4.24 2.73
CA ALA B 115 4.32 4.38 1.69
C ALA B 115 3.99 3.52 0.47
N GLY B 116 3.38 2.36 0.67
CA GLY B 116 3.03 1.50 -0.44
C GLY B 116 1.86 2.02 -1.25
N LEU B 117 1.00 2.84 -0.65
CA LEU B 117 -0.03 3.50 -1.46
C LEU B 117 0.48 4.78 -2.11
N SER B 118 1.37 5.50 -1.42
CA SER B 118 1.93 6.72 -1.98
C SER B 118 2.86 6.45 -3.16
N MET B 119 3.51 5.28 -3.21
CA MET B 119 4.23 4.90 -4.43
C MET B 119 3.31 4.68 -5.62
N LEU B 120 2.12 4.09 -5.41
CA LEU B 120 1.16 3.91 -6.51
C LEU B 120 0.65 5.25 -7.04
N SER B 121 0.41 6.19 -6.13
CA SER B 121 0.01 7.53 -6.54
C SER B 121 1.11 8.27 -7.29
N THR B 122 2.38 8.12 -6.87
CA THR B 122 3.43 8.85 -7.58
C THR B 122 3.86 8.15 -8.87
N VAL B 123 3.60 6.83 -9.00
CA VAL B 123 3.71 6.16 -10.30
C VAL B 123 2.70 6.71 -11.30
N SER B 124 1.44 6.87 -10.88
CA SER B 124 0.42 7.40 -11.80
C SER B 124 0.68 8.87 -12.13
N THR B 125 1.24 9.64 -11.19
CA THR B 125 1.62 11.02 -11.47
C THR B 125 2.79 11.11 -12.45
N GLU B 126 3.79 10.23 -12.31
CA GLU B 126 4.93 10.26 -13.23
C GLU B 126 4.57 9.77 -14.63
N ARG B 127 3.62 8.82 -14.74
CA ARG B 127 3.14 8.42 -16.06
C ARG B 127 2.35 9.54 -16.74
N CYS B 128 1.54 10.28 -15.96
CA CYS B 128 0.82 11.43 -16.49
C CYS B 128 1.77 12.54 -16.95
N LEU B 129 2.85 12.75 -16.19
CA LEU B 129 3.86 13.71 -16.61
C LEU B 129 4.66 13.22 -17.82
N SER B 130 4.77 11.90 -17.98
CA SER B 130 5.50 11.36 -19.13
C SER B 130 4.70 11.50 -20.41
N VAL B 131 3.39 11.28 -20.35
CA VAL B 131 2.58 11.34 -21.57
C VAL B 131 2.21 12.79 -21.90
N LEU B 132 1.88 13.60 -20.89
CA LEU B 132 1.49 14.99 -21.16
C LEU B 132 2.68 15.87 -21.53
N TRP B 133 3.85 15.64 -20.94
CA TRP B 133 5.03 16.46 -21.16
C TRP B 133 6.17 15.56 -21.61
N PRO B 134 6.19 15.11 -22.87
CA PRO B 134 7.15 14.07 -23.27
C PRO B 134 8.56 14.59 -23.52
N ILE B 135 8.69 15.81 -24.02
CA ILE B 135 9.99 16.43 -24.27
C ILE B 135 10.70 16.73 -22.96
N TRP B 136 9.95 17.20 -21.96
CA TRP B 136 10.51 17.42 -20.63
C TRP B 136 10.88 16.12 -19.95
N TYR B 137 10.05 15.09 -20.09
CA TYR B 137 10.31 13.83 -19.38
C TYR B 137 11.45 13.07 -20.03
N ARG B 138 11.69 13.30 -21.32
CA ARG B 138 12.82 12.65 -21.96
C ARG B 138 14.10 13.45 -21.76
N CYS B 139 14.07 14.75 -21.99
CA CYS B 139 15.30 15.51 -22.16
C CYS B 139 15.71 16.37 -20.96
N ARG B 140 14.77 16.88 -20.17
CA ARG B 140 15.12 17.83 -19.13
C ARG B 140 14.73 17.37 -17.72
N ARG B 141 14.39 16.11 -17.55
CA ARG B 141 14.08 15.60 -16.22
C ARG B 141 15.37 15.40 -15.44
N PRO B 142 15.47 15.88 -14.20
CA PRO B 142 16.65 15.56 -13.38
C PRO B 142 16.67 14.09 -13.00
N ARG B 143 17.85 13.48 -13.12
CA ARG B 143 17.95 12.04 -12.91
C ARG B 143 17.92 11.68 -11.43
N HIS B 144 18.24 12.64 -10.57
CA HIS B 144 18.06 12.48 -9.13
C HIS B 144 16.81 13.18 -8.63
N LEU B 145 15.74 13.17 -9.41
CA LEU B 145 14.45 13.62 -8.91
C LEU B 145 13.74 12.50 -8.17
N SER B 146 13.64 11.34 -8.83
CA SER B 146 12.69 10.28 -8.48
C SER B 146 12.93 9.70 -7.10
N ALA B 147 14.20 9.31 -6.83
CA ALA B 147 14.60 8.81 -5.52
C ALA B 147 14.40 9.86 -4.43
N VAL B 148 14.67 11.13 -4.78
CA VAL B 148 14.41 12.27 -3.87
C VAL B 148 12.93 12.36 -3.54
N VAL B 149 12.07 12.24 -4.57
CA VAL B 149 10.61 12.23 -4.38
C VAL B 149 10.21 11.03 -3.54
N CYS B 150 10.88 9.89 -3.80
CA CYS B 150 10.68 8.65 -3.05
C CYS B 150 10.97 8.82 -1.58
N VAL B 151 12.08 9.47 -1.25
CA VAL B 151 12.48 9.50 0.15
C VAL B 151 11.63 10.52 0.90
N LEU B 152 11.12 11.54 0.18
CA LEU B 152 10.25 12.52 0.81
C LEU B 152 8.89 11.91 1.12
N LEU B 153 8.44 11.00 0.25
CA LEU B 153 7.17 10.32 0.50
C LEU B 153 7.32 9.37 1.67
N TRP B 154 8.51 8.73 1.76
CA TRP B 154 8.77 7.85 2.90
C TRP B 154 8.93 8.66 4.16
N ALA B 155 9.47 9.88 4.04
CA ALA B 155 9.61 10.78 5.18
C ALA B 155 8.25 11.20 5.69
N LEU B 156 7.31 11.42 4.77
CA LEU B 156 5.98 11.84 5.17
C LEU B 156 5.22 10.66 5.76
N SER B 157 5.59 9.44 5.34
CA SER B 157 5.03 8.23 5.93
C SER B 157 5.43 8.10 7.39
N LEU B 158 6.68 8.44 7.72
CA LEU B 158 7.10 8.47 9.13
C LEU B 158 6.39 9.57 9.89
N LEU B 159 6.11 10.69 9.21
CA LEU B 159 5.43 11.79 9.90
C LEU B 159 3.95 11.48 10.05
N LEU B 160 3.45 10.48 9.33
CA LEU B 160 2.07 10.08 9.55
C LEU B 160 2.00 8.77 10.33
N SER B 161 3.15 8.20 10.71
CA SER B 161 3.08 6.94 11.43
C SER B 161 3.33 7.14 12.93
N ILE B 162 4.52 7.67 13.27
CA ILE B 162 4.89 7.79 14.67
C ILE B 162 4.08 8.88 15.36
N LEU B 163 3.71 9.94 14.63
CA LEU B 163 2.79 10.93 15.16
C LEU B 163 1.37 10.40 15.20
N GLU B 164 1.09 9.33 14.46
CA GLU B 164 -0.08 8.53 14.77
C GLU B 164 0.15 7.75 16.05
N GLY B 165 1.25 6.97 16.10
CA GLY B 165 1.35 5.86 17.02
C GLY B 165 1.55 6.29 18.47
N LYS B 166 2.32 7.36 18.66
CA LYS B 166 2.56 7.86 20.01
C LYS B 166 1.34 8.59 20.58
N PHE B 167 0.34 8.89 19.73
CA PHE B 167 -0.90 9.40 20.28
C PHE B 167 -1.91 8.27 20.48
N CYS B 168 -1.68 7.11 19.86
CA CYS B 168 -2.63 6.03 20.01
C CYS B 168 -2.14 4.94 20.95
N GLY B 169 -1.02 5.16 21.63
CA GLY B 169 -0.53 4.23 22.62
C GLY B 169 0.36 3.12 22.09
N PHE B 170 0.58 3.07 20.77
CA PHE B 170 1.48 2.06 20.22
C PHE B 170 2.94 2.39 20.50
N LEU B 171 3.25 3.68 20.63
CA LEU B 171 4.54 4.13 21.13
C LEU B 171 4.31 4.90 22.43
N PHE B 172 5.31 4.82 23.33
CA PHE B 172 5.37 5.55 24.62
C PHE B 172 4.25 5.15 25.58
N SER B 173 3.67 3.96 25.35
CA SER B 173 2.81 3.16 26.23
C SER B 173 1.42 3.74 26.53
N ASP B 174 1.16 4.99 26.14
CA ASP B 174 -0.10 5.67 26.43
C ASP B 174 -0.26 6.85 25.48
N GLY B 175 -1.51 7.28 25.29
CA GLY B 175 -1.78 8.43 24.46
C GLY B 175 -3.24 8.82 24.53
N ASP B 176 -3.50 10.10 24.25
CA ASP B 176 -4.85 10.62 24.23
C ASP B 176 -5.57 10.15 22.98
N SER B 177 -6.75 9.57 23.15
CA SER B 177 -7.52 9.12 21.99
C SER B 177 -8.19 10.28 21.26
N GLY B 178 -8.32 11.43 21.95
CA GLY B 178 -8.90 12.60 21.31
C GLY B 178 -7.98 13.25 20.30
N TRP B 179 -6.73 12.83 20.34
CA TRP B 179 -5.82 13.35 19.42
C TRP B 179 -5.61 12.25 18.44
N CYS B 180 -5.63 11.05 18.90
CA CYS B 180 -5.40 9.90 18.03
C CYS B 180 -6.46 9.81 16.94
N GLN B 181 -7.72 10.13 17.28
CA GLN B 181 -8.79 10.17 16.30
C GLN B 181 -8.60 11.31 15.30
N THR B 182 -8.04 12.43 15.75
CA THR B 182 -7.71 13.55 14.88
C THR B 182 -6.62 13.18 13.87
N PHE B 183 -5.57 12.48 14.31
CA PHE B 183 -4.50 12.11 13.40
C PHE B 183 -4.91 10.97 12.49
N ASP B 184 -5.85 10.13 12.94
CA ASP B 184 -6.44 9.14 12.05
C ASP B 184 -7.29 9.80 10.96
N PHE B 185 -7.99 10.89 11.30
CA PHE B 185 -8.73 11.64 10.29
C PHE B 185 -7.81 12.39 9.35
N ILE B 186 -6.65 12.85 9.84
CA ILE B 186 -5.65 13.53 9.02
C ILE B 186 -5.06 12.57 7.98
N THR B 187 -4.72 11.35 8.40
CA THR B 187 -4.20 10.39 7.44
C THR B 187 -5.30 9.81 6.56
N ALA B 188 -6.56 9.86 7.00
CA ALA B 188 -7.67 9.51 6.12
C ALA B 188 -7.86 10.55 5.02
N ALA B 189 -7.66 11.82 5.36
CA ALA B 189 -7.66 12.89 4.35
C ALA B 189 -6.47 12.76 3.42
N TRP B 190 -5.34 12.27 3.94
CA TRP B 190 -4.18 11.98 3.10
C TRP B 190 -4.45 10.83 2.13
N LEU B 191 -5.19 9.81 2.58
CA LEU B 191 -5.50 8.68 1.71
C LEU B 191 -6.49 9.07 0.61
N ILE B 192 -7.48 9.92 0.93
CA ILE B 192 -8.41 10.35 -0.12
C ILE B 192 -7.76 11.38 -1.04
N PHE B 193 -6.73 12.09 -0.54
CA PHE B 193 -5.96 12.98 -1.41
C PHE B 193 -5.09 12.17 -2.37
N LEU B 194 -4.52 11.07 -1.89
CA LEU B 194 -3.74 10.19 -2.77
C LEU B 194 -4.63 9.51 -3.80
N PHE B 195 -5.88 9.19 -3.42
CA PHE B 195 -6.79 8.59 -4.38
C PHE B 195 -7.27 9.59 -5.43
N MET B 196 -7.49 10.85 -5.05
CA MET B 196 -7.90 11.82 -6.06
C MET B 196 -6.73 12.25 -6.94
N VAL B 197 -5.49 12.15 -6.42
CA VAL B 197 -4.32 12.40 -7.27
C VAL B 197 -4.12 11.28 -8.28
N LEU B 198 -4.28 10.02 -7.84
CA LEU B 198 -4.19 8.88 -8.77
C LEU B 198 -5.32 8.89 -9.80
N CYS B 199 -6.54 9.21 -9.37
CA CYS B 199 -7.68 9.20 -10.27
C CYS B 199 -7.64 10.38 -11.25
N GLY B 200 -7.24 11.56 -10.78
CA GLY B 200 -7.12 12.70 -11.66
C GLY B 200 -5.98 12.57 -12.66
N SER B 201 -4.87 11.96 -12.23
CA SER B 201 -3.75 11.77 -13.14
C SER B 201 -4.04 10.68 -14.17
N SER B 202 -4.75 9.62 -13.77
CA SER B 202 -5.15 8.59 -14.73
C SER B 202 -6.21 9.11 -15.70
N LEU B 203 -7.10 9.98 -15.23
CA LEU B 203 -8.08 10.60 -16.11
C LEU B 203 -7.42 11.56 -17.10
N ALA B 204 -6.43 12.33 -16.65
CA ALA B 204 -5.71 13.25 -17.54
C ALA B 204 -4.90 12.51 -18.58
N LEU B 205 -4.30 11.38 -18.19
CA LEU B 205 -3.54 10.57 -19.14
C LEU B 205 -4.47 9.90 -20.14
N LEU B 206 -5.65 9.46 -19.69
CA LEU B 206 -6.60 8.79 -20.57
C LEU B 206 -7.21 9.77 -21.58
N VAL B 207 -7.48 11.02 -21.16
CA VAL B 207 -8.02 11.97 -22.14
C VAL B 207 -6.93 12.47 -23.07
N ARG B 208 -5.66 12.47 -22.60
CA ARG B 208 -4.57 12.90 -23.48
C ARG B 208 -4.27 11.84 -24.53
N ILE B 209 -4.40 10.57 -24.20
CA ILE B 209 -4.22 9.54 -25.22
C ILE B 209 -5.47 9.38 -26.08
N LEU B 210 -6.67 9.50 -25.49
CA LEU B 210 -7.88 9.30 -26.27
C LEU B 210 -8.18 10.49 -27.19
N CYS B 211 -7.56 11.64 -26.94
CA CYS B 211 -7.59 12.69 -27.96
C CYS B 211 -6.44 12.53 -28.97
N GLY B 212 -5.22 12.29 -28.49
CA GLY B 212 -4.04 12.47 -29.33
C GLY B 212 -3.06 11.32 -29.48
N SER B 213 -3.53 10.09 -29.67
CA SER B 213 -2.64 8.94 -29.86
C SER B 213 -2.49 8.65 -31.35
N ARG B 214 -1.30 8.20 -31.74
CA ARG B 214 -1.09 7.70 -33.10
C ARG B 214 -0.71 6.22 -33.13
N GLY B 215 0.34 5.82 -32.41
CA GLY B 215 0.82 4.46 -32.52
C GLY B 215 0.80 3.67 -31.24
N LEU B 216 0.03 4.14 -30.26
CA LEU B 216 0.07 3.53 -28.93
C LEU B 216 -0.78 2.26 -28.90
N PRO B 217 -0.49 1.30 -28.01
CA PRO B 217 -1.39 0.15 -27.85
C PRO B 217 -2.57 0.45 -26.93
N LEU B 218 -3.66 0.98 -27.51
CA LEU B 218 -4.78 1.58 -26.77
C LEU B 218 -5.51 0.65 -25.80
N THR B 219 -5.83 -0.58 -26.23
CA THR B 219 -6.68 -1.43 -25.41
C THR B 219 -5.91 -2.05 -24.23
N ARG B 220 -4.63 -2.35 -24.43
CA ARG B 220 -3.81 -2.91 -23.35
C ARG B 220 -3.49 -1.85 -22.31
N LEU B 221 -3.20 -0.63 -22.79
CA LEU B 221 -2.96 0.52 -21.91
C LEU B 221 -4.22 0.88 -21.12
N TYR B 222 -5.39 0.85 -21.79
CA TYR B 222 -6.66 1.19 -21.14
C TYR B 222 -7.03 0.16 -20.08
N LEU B 223 -6.80 -1.12 -20.37
CA LEU B 223 -7.12 -2.18 -19.42
C LEU B 223 -6.15 -2.17 -18.24
N THR B 224 -4.88 -1.83 -18.46
CA THR B 224 -3.94 -1.78 -17.34
C THR B 224 -4.18 -0.55 -16.46
N ILE B 225 -4.67 0.54 -17.06
CA ILE B 225 -5.00 1.74 -16.27
C ILE B 225 -6.22 1.48 -15.39
N LEU B 226 -7.26 0.86 -15.96
CA LEU B 226 -8.44 0.52 -15.16
C LEU B 226 -8.14 -0.57 -14.14
N LEU B 227 -7.17 -1.44 -14.44
CA LEU B 227 -6.73 -2.44 -13.48
C LEU B 227 -6.01 -1.81 -12.30
N THR B 228 -5.12 -0.84 -12.54
CA THR B 228 -4.41 -0.20 -11.43
C THR B 228 -5.33 0.70 -10.61
N VAL B 229 -6.32 1.34 -11.25
CA VAL B 229 -7.27 2.17 -10.53
C VAL B 229 -8.20 1.31 -9.66
N LEU B 230 -8.66 0.16 -10.19
CA LEU B 230 -9.52 -0.71 -9.37
C LEU B 230 -8.73 -1.47 -8.31
N VAL B 231 -7.43 -1.68 -8.51
CA VAL B 231 -6.60 -2.24 -7.45
C VAL B 231 -6.39 -1.22 -6.32
N PHE B 232 -6.16 0.06 -6.68
CA PHE B 232 -6.02 1.08 -5.64
C PHE B 232 -7.34 1.38 -4.93
N LEU B 233 -8.47 1.22 -5.64
CA LEU B 233 -9.75 1.50 -5.00
C LEU B 233 -10.25 0.30 -4.20
N LEU B 234 -10.43 -0.85 -4.84
CA LEU B 234 -11.11 -1.96 -4.21
C LEU B 234 -10.21 -2.80 -3.30
N CYS B 235 -8.89 -2.66 -3.38
CA CYS B 235 -8.00 -3.49 -2.59
C CYS B 235 -7.09 -2.71 -1.67
N GLY B 236 -6.48 -1.62 -2.14
CA GLY B 236 -5.53 -0.91 -1.30
C GLY B 236 -6.19 -0.01 -0.28
N LEU B 237 -7.17 0.76 -0.71
CA LEU B 237 -7.93 1.69 0.12
C LEU B 237 -8.85 1.16 1.24
N PRO B 238 -9.54 -0.08 1.14
CA PRO B 238 -10.42 -0.51 2.25
C PRO B 238 -9.83 -0.63 3.64
N PHE B 239 -8.60 -1.13 3.77
CA PHE B 239 -7.96 -1.27 5.08
C PHE B 239 -7.68 0.08 5.70
N GLY B 240 -7.25 1.05 4.90
CA GLY B 240 -7.02 2.38 5.42
C GLY B 240 -8.30 3.09 5.82
N ILE B 241 -9.36 2.89 5.04
CA ILE B 241 -10.64 3.54 5.36
C ILE B 241 -11.27 2.90 6.60
N GLN B 242 -11.16 1.58 6.77
CA GLN B 242 -11.72 0.95 7.96
C GLN B 242 -10.84 1.18 9.19
N TRP B 243 -9.54 1.38 8.99
CA TRP B 243 -8.64 1.48 10.14
C TRP B 243 -8.57 2.90 10.64
N PHE B 244 -8.66 3.89 9.74
CA PHE B 244 -8.47 5.26 10.19
C PHE B 244 -9.78 6.04 10.23
N LEU B 245 -10.77 5.63 9.44
CA LEU B 245 -11.94 6.49 9.26
C LEU B 245 -13.26 5.87 9.69
N ILE B 246 -13.53 4.62 9.30
CA ILE B 246 -14.79 3.96 9.64
C ILE B 246 -14.88 3.66 11.13
N LEU B 247 -13.73 3.35 11.75
CA LEU B 247 -13.68 2.88 13.12
C LEU B 247 -13.98 3.98 14.13
N TRP B 248 -13.87 5.24 13.73
CA TRP B 248 -14.18 6.37 14.59
C TRP B 248 -15.51 7.04 14.25
N ILE B 249 -15.98 6.94 13.01
CA ILE B 249 -17.15 7.74 12.60
C ILE B 249 -18.42 6.92 12.73
N TRP B 250 -18.31 5.59 12.82
CA TRP B 250 -19.52 4.77 12.92
C TRP B 250 -19.95 4.60 14.38
N LYS B 251 -18.97 4.48 15.29
CA LYS B 251 -19.05 4.40 16.75
C LYS B 251 -19.72 3.12 17.27
N ASP B 252 -20.09 2.16 16.42
CA ASP B 252 -20.67 0.90 16.86
C ASP B 252 -20.06 -0.27 16.10
N SER B 253 -18.75 -0.20 15.84
CA SER B 253 -18.10 -1.18 14.98
C SER B 253 -17.54 -2.39 15.75
N ASP B 254 -17.94 -2.57 17.00
CA ASP B 254 -17.45 -3.70 17.80
C ASP B 254 -18.01 -5.02 17.30
N VAL B 255 -19.25 -5.00 16.79
CA VAL B 255 -19.80 -6.21 16.17
C VAL B 255 -19.51 -6.21 14.68
N LEU B 256 -19.13 -5.06 14.13
CA LEU B 256 -18.81 -4.98 12.71
C LEU B 256 -17.38 -5.43 12.43
N PHE B 257 -16.56 -5.53 13.49
CA PHE B 257 -15.16 -5.98 13.42
C PHE B 257 -14.99 -7.32 12.74
N CYS B 258 -15.76 -8.33 13.18
CA CYS B 258 -15.43 -9.71 12.85
C CYS B 258 -15.87 -10.05 11.43
N HIS B 259 -16.64 -9.16 10.80
CA HIS B 259 -16.90 -9.19 9.37
C HIS B 259 -15.95 -8.28 8.58
N ILE B 260 -15.72 -7.03 8.99
CA ILE B 260 -15.13 -6.10 8.02
C ILE B 260 -13.60 -6.08 8.13
N HIS B 261 -13.04 -6.40 9.30
CA HIS B 261 -11.60 -6.24 9.48
C HIS B 261 -10.75 -7.36 8.86
N PRO B 262 -11.05 -8.68 9.02
CA PRO B 262 -10.22 -9.68 8.31
C PRO B 262 -10.37 -9.65 6.81
N VAL B 263 -11.54 -9.26 6.28
CA VAL B 263 -11.65 -9.16 4.82
C VAL B 263 -10.93 -7.92 4.32
N SER B 264 -10.73 -6.90 5.18
CA SER B 264 -9.98 -5.74 4.76
C SER B 264 -8.48 -6.01 4.76
N VAL B 265 -7.98 -6.81 5.70
CA VAL B 265 -6.55 -7.12 5.64
C VAL B 265 -6.27 -8.15 4.54
N VAL B 266 -7.26 -8.99 4.20
CA VAL B 266 -7.16 -9.84 3.01
C VAL B 266 -7.09 -9.02 1.73
N LEU B 267 -7.94 -7.97 1.63
CA LEU B 267 -7.93 -7.14 0.42
C LEU B 267 -6.67 -6.27 0.33
N SER B 268 -6.15 -5.81 1.45
CA SER B 268 -4.92 -5.02 1.40
C SER B 268 -3.70 -5.90 1.15
N SER B 269 -3.72 -7.15 1.61
CA SER B 269 -2.64 -8.06 1.26
C SER B 269 -2.75 -8.52 -0.18
N LEU B 270 -3.96 -8.51 -0.75
CA LEU B 270 -4.11 -8.76 -2.18
C LEU B 270 -3.63 -7.56 -3.00
N ASN B 271 -3.73 -6.36 -2.44
CA ASN B 271 -3.12 -5.20 -3.09
C ASN B 271 -1.60 -5.28 -3.03
N SER B 272 -1.05 -5.61 -1.87
CA SER B 272 0.40 -5.64 -1.72
C SER B 272 1.03 -6.85 -2.39
N SER B 273 0.25 -7.91 -2.63
CA SER B 273 0.78 -9.11 -3.24
C SER B 273 0.71 -9.05 -4.76
N ALA B 274 -0.24 -8.29 -5.30
CA ALA B 274 -0.39 -8.20 -6.75
C ALA B 274 0.14 -6.86 -7.26
N ASN B 275 0.91 -6.17 -6.46
CA ASN B 275 1.75 -5.06 -6.91
C ASN B 275 3.08 -5.48 -7.55
N PRO B 276 3.82 -6.55 -7.10
CA PRO B 276 4.90 -7.06 -7.95
C PRO B 276 4.45 -7.61 -9.30
N ILE B 277 3.28 -8.25 -9.35
CA ILE B 277 2.86 -8.95 -10.56
C ILE B 277 2.39 -7.96 -11.62
N ILE B 278 1.81 -6.85 -11.19
CA ILE B 278 1.27 -5.88 -12.15
C ILE B 278 2.35 -4.90 -12.57
N TYR B 279 3.11 -4.37 -11.60
CA TYR B 279 3.95 -3.21 -11.90
C TYR B 279 5.34 -3.63 -12.40
N PHE B 280 5.71 -4.88 -12.20
CA PHE B 280 7.02 -5.36 -12.66
C PHE B 280 6.94 -6.49 -13.67
N PHE B 281 6.39 -7.61 -13.26
CA PHE B 281 6.28 -8.80 -14.10
C PHE B 281 5.23 -8.76 -15.15
N VAL B 282 4.80 -7.58 -15.47
CA VAL B 282 3.91 -7.44 -16.56
C VAL B 282 4.63 -6.40 -17.36
N GLY B 283 5.01 -5.31 -16.74
CA GLY B 283 5.72 -4.29 -17.43
C GLY B 283 7.05 -4.79 -17.94
N SER B 284 7.76 -5.57 -17.15
CA SER B 284 9.05 -5.97 -17.60
C SER B 284 9.51 -7.39 -17.56
N PHE B 285 8.67 -8.37 -17.48
CA PHE B 285 9.12 -9.76 -17.54
C PHE B 285 8.12 -10.56 -18.38
N ARG B 286 7.33 -9.84 -19.17
CA ARG B 286 6.22 -10.32 -20.01
C ARG B 286 6.42 -11.24 -21.18
N LYS B 287 7.42 -11.01 -21.99
CA LYS B 287 7.57 -11.86 -23.16
C LYS B 287 7.88 -13.31 -22.86
N GLN B 288 8.80 -13.53 -21.96
CA GLN B 288 9.23 -14.87 -21.63
C GLN B 288 8.08 -15.75 -21.14
C1 CLR C . 17.82 5.15 -2.57
C2 CLR C . 18.33 5.39 -3.98
C3 CLR C . 18.39 4.06 -4.71
C4 CLR C . 16.96 3.59 -4.90
C5 CLR C . 16.31 3.42 -3.57
C6 CLR C . 15.45 2.41 -3.45
C7 CLR C . 14.88 2.01 -2.15
C8 CLR C . 14.75 3.20 -1.19
C9 CLR C . 16.06 4.04 -1.16
C10 CLR C . 16.39 4.55 -2.58
C11 CLR C . 15.97 5.19 -0.14
C12 CLR C . 15.61 4.69 1.28
C13 CLR C . 14.34 3.83 1.26
C14 CLR C . 14.48 2.68 0.22
C15 CLR C . 13.22 1.77 0.48
C16 CLR C . 12.96 1.95 2.01
C17 CLR C . 14.14 2.85 2.49
C18 CLR C . 13.06 4.69 0.90
C19 CLR C . 15.40 5.63 -3.00
C20 CLR C . 14.15 3.36 4.02
C21 CLR C . 14.16 2.13 4.93
C22 CLR C . 13.07 4.33 4.53
C23 CLR C . 13.66 5.74 4.49
C24 CLR C . 12.94 6.64 5.48
C25 CLR C . 13.82 7.86 5.78
C26 CLR C . 13.11 9.12 5.30
C27 CLR C . 14.11 7.95 7.26
O1 CLR C . 19.00 4.29 -5.94
#